data_6L6Q
#
_entry.id   6L6Q
#
_cell.length_a   35.696
_cell.length_b   35.696
_cell.length_c   259.273
_cell.angle_alpha   90.000
_cell.angle_beta   90.000
_cell.angle_gamma   90.000
#
_symmetry.space_group_name_H-M   'P 43'
#
loop_
_entity.id
_entity.type
_entity.pdbx_description
1 polymer 'Nuclear receptor related 1'
2 polymer "DNA (5'-D(P*AP*GP*TP*GP*AP*CP*CP*TP*TP*TP*AP*AP*AP*GP*GP*TP*CP*AP*CP*T)-3')"
3 non-polymer 'ZINC ION'
4 water water
#
loop_
_entity_poly.entity_id
_entity_poly.type
_entity_poly.pdbx_seq_one_letter_code
_entity_poly.pdbx_strand_id
1 'polypeptide(L)'
;LCAVCGDNAACQHYGVRTCEGCKGFFKRTVQKNAKYVCLANKNCPVDKRRRNRCQYCRFQKCLAVGMVKEVVRTDSLKGR
RGRLP
;
A,B
2 'polydeoxyribonucleotide' (DA)(DG)(DT)(DG)(DA)(DC)(DC)(DT)(DT)(DT)(DA)(DA)(DA)(DG)(DG)(DT)(DC)(DA)(DC)(DT) C,F
#
# COMPACT_ATOMS: atom_id res chain seq x y z
N LEU A 1 -19.48 5.78 2.10
CA LEU A 1 -20.21 6.33 0.96
C LEU A 1 -19.33 6.88 -0.13
N CYS A 2 -19.78 6.59 -1.33
CA CYS A 2 -19.04 6.83 -2.56
C CYS A 2 -19.09 8.31 -2.89
N ALA A 3 -17.91 8.89 -3.14
CA ALA A 3 -17.77 10.34 -3.21
C ALA A 3 -18.32 10.93 -4.50
N VAL A 4 -18.51 10.12 -5.53
CA VAL A 4 -18.92 10.61 -6.83
C VAL A 4 -20.41 10.38 -7.09
N CYS A 5 -20.98 9.27 -6.61
CA CYS A 5 -22.37 8.95 -6.91
C CYS A 5 -23.25 8.68 -5.68
N GLY A 6 -22.68 8.44 -4.51
CA GLY A 6 -23.46 8.23 -3.31
C GLY A 6 -23.83 6.79 -3.00
N ASP A 7 -23.56 5.86 -3.91
CA ASP A 7 -23.80 4.44 -3.63
C ASP A 7 -22.86 3.97 -2.52
N ASN A 8 -23.05 2.72 -2.11
CA ASN A 8 -22.20 2.16 -1.06
C ASN A 8 -20.81 1.85 -1.60
N ALA A 9 -19.82 2.03 -0.73
CA ALA A 9 -18.41 1.89 -1.10
C ALA A 9 -17.70 1.15 0.01
N ALA A 10 -16.89 0.16 -0.37
CA ALA A 10 -16.21 -0.66 0.61
C ALA A 10 -14.81 -0.14 0.92
N CYS A 11 -14.10 0.36 -0.07
CA CYS A 11 -12.74 0.83 0.12
C CYS A 11 -12.47 1.95 -0.88
N GLN A 12 -11.21 2.38 -0.94
CA GLN A 12 -10.77 3.43 -1.84
C GLN A 12 -10.32 2.85 -3.19
N HIS A 13 -10.56 3.60 -4.26
CA HIS A 13 -10.18 3.16 -5.60
C HIS A 13 -9.60 4.32 -6.39
N TYR A 14 -8.36 4.17 -6.83
CA TYR A 14 -7.64 5.18 -7.61
C TYR A 14 -7.63 6.54 -6.90
N GLY A 15 -7.55 6.50 -5.57
CA GLY A 15 -7.34 7.68 -4.76
C GLY A 15 -8.55 8.18 -3.99
N VAL A 16 -9.77 7.77 -4.36
CA VAL A 16 -10.98 8.27 -3.72
C VAL A 16 -11.90 7.09 -3.41
N ARG A 17 -12.63 7.21 -2.31
CA ARG A 17 -13.64 6.23 -1.93
C ARG A 17 -14.78 6.19 -2.94
N THR A 18 -14.95 5.06 -3.63
CA THR A 18 -15.91 4.97 -4.73
C THR A 18 -16.64 3.63 -4.67
N CYS A 19 -17.83 3.61 -5.28
CA CYS A 19 -18.59 2.39 -5.56
C CYS A 19 -17.87 1.51 -6.59
N GLU A 20 -18.35 0.28 -6.70
CA GLU A 20 -17.87 -0.62 -7.77
C GLU A 20 -18.17 -0.06 -9.15
N GLY A 21 -19.34 0.54 -9.35
CA GLY A 21 -19.68 1.07 -10.66
C GLY A 21 -18.78 2.20 -11.10
N CYS A 22 -18.52 3.15 -10.20
CA CYS A 22 -17.63 4.25 -10.55
C CYS A 22 -16.16 3.85 -10.53
N LYS A 23 -15.80 2.74 -9.87
CA LYS A 23 -14.45 2.21 -10.10
C LYS A 23 -14.33 1.68 -11.52
N GLY A 24 -15.28 0.86 -11.94
CA GLY A 24 -15.23 0.31 -13.29
C GLY A 24 -15.33 1.36 -14.37
N PHE A 25 -16.22 2.34 -14.18
CA PHE A 25 -16.36 3.40 -15.17
C PHE A 25 -15.06 4.18 -15.33
N PHE A 26 -14.51 4.66 -14.21
CA PHE A 26 -13.29 5.45 -14.27
C PHE A 26 -12.15 4.65 -14.88
N LYS A 27 -12.08 3.34 -14.62
CA LYS A 27 -10.94 2.58 -15.10
C LYS A 27 -10.99 2.38 -16.62
N ARG A 28 -12.15 2.00 -17.15
CA ARG A 28 -12.24 1.78 -18.60
C ARG A 28 -12.16 3.10 -19.37
N THR A 29 -12.68 4.19 -18.80
CA THR A 29 -12.56 5.47 -19.47
C THR A 29 -11.10 5.81 -19.76
N VAL A 30 -10.23 5.62 -18.77
CA VAL A 30 -8.83 5.99 -18.94
C VAL A 30 -8.10 4.98 -19.83
N GLN A 31 -8.37 3.68 -19.67
CA GLN A 31 -7.72 2.70 -20.52
C GLN A 31 -8.10 2.91 -21.98
N LYS A 32 -9.39 3.08 -22.26
CA LYS A 32 -9.85 3.35 -23.60
C LYS A 32 -9.59 4.78 -24.03
N ASN A 33 -8.99 5.58 -23.15
CA ASN A 33 -8.77 7.01 -23.37
C ASN A 33 -10.05 7.66 -23.90
N ALA A 34 -11.18 7.24 -23.34
CA ALA A 34 -12.48 7.69 -23.79
C ALA A 34 -12.65 9.19 -23.58
N LYS A 35 -13.48 9.80 -24.42
CA LYS A 35 -13.78 11.22 -24.37
C LYS A 35 -15.28 11.37 -24.61
N TYR A 36 -15.95 12.14 -23.75
CA TYR A 36 -17.40 12.27 -23.80
C TYR A 36 -17.79 13.70 -24.08
N VAL A 37 -19.07 13.88 -24.42
CA VAL A 37 -19.66 15.20 -24.67
C VAL A 37 -21.00 15.24 -23.95
N CYS A 38 -21.20 16.28 -23.14
CA CYS A 38 -22.40 16.40 -22.32
C CYS A 38 -23.54 16.99 -23.13
N LEU A 39 -24.64 16.25 -23.23
CA LEU A 39 -25.80 16.65 -24.04
C LEU A 39 -26.45 17.94 -23.40
N ALA A 40 -25.82 18.55 -22.40
CA ALA A 40 -26.43 19.66 -21.86
C ALA A 40 -25.30 20.59 -21.31
N ASN A 41 -25.61 21.42 -20.32
CA ASN A 41 -24.67 22.40 -19.75
C ASN A 41 -23.43 21.93 -18.97
N LYS A 42 -23.12 20.64 -18.97
CA LYS A 42 -21.95 20.14 -18.27
C LYS A 42 -22.18 20.30 -16.77
N ASN A 43 -23.44 20.38 -16.36
CA ASN A 43 -23.81 20.53 -14.95
C ASN A 43 -24.64 19.35 -14.47
N CYS A 44 -24.54 18.20 -15.15
CA CYS A 44 -25.47 17.13 -14.88
C CYS A 44 -25.21 16.53 -13.51
N PRO A 45 -26.22 16.44 -12.65
CA PRO A 45 -26.04 15.87 -11.33
C PRO A 45 -25.78 14.38 -11.40
N VAL A 46 -24.82 13.92 -10.61
CA VAL A 46 -24.35 12.54 -10.63
C VAL A 46 -24.63 11.96 -9.25
N ASP A 47 -25.80 11.36 -9.08
CA ASP A 47 -26.12 10.54 -7.92
C ASP A 47 -26.38 9.12 -8.41
N LYS A 48 -26.72 8.22 -7.47
CA LYS A 48 -26.83 6.81 -7.82
C LYS A 48 -27.89 6.56 -8.89
N ARG A 49 -28.99 7.31 -8.83
CA ARG A 49 -30.11 7.05 -9.73
C ARG A 49 -29.82 7.54 -11.15
N ARG A 50 -29.31 8.76 -11.28
CA ARG A 50 -28.97 9.38 -12.56
C ARG A 50 -27.52 9.13 -12.96
N ARG A 51 -26.88 8.13 -12.35
CA ARG A 51 -25.43 8.00 -12.41
C ARG A 51 -24.93 7.76 -13.83
N ASN A 52 -25.68 7.01 -14.63
CA ASN A 52 -25.24 6.60 -15.96
C ASN A 52 -25.73 7.51 -17.07
N ARG A 53 -26.47 8.58 -16.74
CA ARG A 53 -27.15 9.37 -17.75
C ARG A 53 -26.23 10.37 -18.46
N CYS A 54 -25.02 10.60 -17.97
CA CYS A 54 -24.09 11.51 -18.63
C CYS A 54 -22.73 11.01 -18.15
N GLN A 55 -21.92 10.57 -19.11
CA GLN A 55 -20.64 9.95 -18.81
C GLN A 55 -19.58 11.02 -18.70
N TYR A 56 -19.77 12.15 -19.38
CA TYR A 56 -18.86 13.28 -19.23
C TYR A 56 -18.96 13.86 -17.82
N CYS A 57 -20.16 14.29 -17.43
CA CYS A 57 -20.31 14.90 -16.12
C CYS A 57 -19.91 13.95 -15.01
N ARG A 58 -20.16 12.66 -15.19
CA ARG A 58 -19.72 11.72 -14.16
C ARG A 58 -18.20 11.56 -14.18
N PHE A 59 -17.58 11.63 -15.36
CA PHE A 59 -16.13 11.67 -15.43
C PHE A 59 -15.60 13.03 -15.02
N GLN A 60 -16.33 14.10 -15.36
CA GLN A 60 -15.92 15.45 -14.96
C GLN A 60 -15.81 15.54 -13.44
N LYS A 61 -16.84 15.11 -12.72
CA LYS A 61 -16.78 15.12 -11.27
C LYS A 61 -15.86 14.03 -10.72
N CYS A 62 -15.64 12.94 -11.47
CA CYS A 62 -14.70 11.92 -11.03
C CYS A 62 -13.32 12.50 -10.81
N LEU A 63 -12.83 13.29 -11.77
CA LEU A 63 -11.53 13.93 -11.56
C LEU A 63 -11.63 15.05 -10.53
N ALA A 64 -12.82 15.64 -10.38
CA ALA A 64 -12.97 16.75 -9.44
C ALA A 64 -12.85 16.26 -7.99
N VAL A 65 -13.50 15.14 -7.66
CA VAL A 65 -13.37 14.60 -6.31
C VAL A 65 -11.91 14.23 -6.04
N GLY A 66 -11.18 13.84 -7.07
CA GLY A 66 -9.74 13.71 -6.96
C GLY A 66 -9.14 12.35 -7.24
N MET A 67 -9.84 11.47 -7.95
CA MET A 67 -9.19 10.23 -8.37
C MET A 67 -8.25 10.53 -9.52
N VAL A 68 -7.06 9.93 -9.47
CA VAL A 68 -5.95 10.29 -10.33
C VAL A 68 -5.76 9.20 -11.39
N LYS A 69 -5.51 9.64 -12.62
CA LYS A 69 -5.45 8.74 -13.76
C LYS A 69 -4.31 7.73 -13.66
N GLU A 70 -3.19 8.13 -13.06
CA GLU A 70 -1.99 7.30 -13.10
C GLU A 70 -2.15 5.94 -12.41
N VAL A 71 -3.13 5.78 -11.52
CA VAL A 71 -3.21 4.55 -10.73
C VAL A 71 -3.54 3.36 -11.60
N VAL A 72 -4.44 3.53 -12.58
CA VAL A 72 -4.72 2.41 -13.47
C VAL A 72 -3.45 2.16 -14.28
N ARG A 73 -3.16 0.90 -14.50
CA ARG A 73 -1.83 0.53 -14.95
C ARG A 73 -1.68 0.84 -16.44
N THR A 74 -0.51 1.34 -16.79
CA THR A 74 -0.19 1.78 -18.14
C THR A 74 1.26 1.40 -18.40
N ASP A 75 1.61 1.25 -19.67
CA ASP A 75 2.98 0.90 -20.04
C ASP A 75 3.43 -0.41 -19.41
N SER A 76 4.49 -0.35 -18.60
CA SER A 76 5.03 -1.53 -17.95
C SER A 76 4.03 -2.35 -17.15
N LEU A 77 3.06 -1.70 -16.48
CA LEU A 77 2.28 -2.36 -15.44
C LEU A 77 0.92 -2.87 -15.93
N LYS A 78 0.59 -2.71 -17.20
CA LYS A 78 -0.70 -3.16 -17.68
C LYS A 78 -0.83 -4.67 -17.55
N GLY A 79 -1.93 -5.10 -16.92
CA GLY A 79 -2.25 -6.51 -16.80
C GLY A 79 -2.07 -7.10 -15.41
N ARG A 80 -1.31 -6.44 -14.54
CA ARG A 80 -0.93 -7.04 -13.25
C ARG A 80 -1.95 -6.74 -12.16
N ARG A 81 -2.31 -7.78 -11.41
CA ARG A 81 -3.25 -7.74 -10.31
C ARG A 81 -2.63 -7.11 -9.07
N GLY A 82 -3.49 -6.76 -8.10
CA GLY A 82 -3.02 -6.52 -6.74
C GLY A 82 -2.06 -5.34 -6.54
N ARG A 83 -1.52 -5.28 -5.32
CA ARG A 83 -0.56 -4.23 -4.97
C ARG A 83 0.76 -4.42 -5.70
N LEU A 84 1.48 -3.31 -5.91
CA LEU A 84 2.78 -3.29 -6.54
C LEU A 84 3.87 -3.15 -5.48
N PRO A 85 4.96 -3.93 -5.60
CA PRO A 85 6.08 -3.85 -4.65
C PRO A 85 6.83 -2.53 -4.81
N LEU B 1 16.62 -11.17 -1.99
CA LEU B 1 16.91 -11.94 -0.78
C LEU B 1 17.02 -10.96 0.38
N CYS B 2 17.33 -11.47 1.57
CA CYS B 2 17.16 -10.67 2.78
C CYS B 2 18.38 -9.79 2.99
N ALA B 3 18.13 -8.50 3.21
CA ALA B 3 19.20 -7.51 3.19
C ALA B 3 20.08 -7.53 4.43
N VAL B 4 19.61 -8.13 5.52
CA VAL B 4 20.36 -8.12 6.77
C VAL B 4 21.04 -9.46 7.03
N CYS B 5 20.45 -10.57 6.57
CA CYS B 5 21.04 -11.88 6.82
C CYS B 5 21.30 -12.74 5.60
N GLY B 6 20.72 -12.44 4.44
CA GLY B 6 20.99 -13.21 3.25
C GLY B 6 20.06 -14.38 3.00
N ASP B 7 19.19 -14.71 3.94
CA ASP B 7 18.22 -15.78 3.71
C ASP B 7 17.26 -15.38 2.60
N ASN B 8 16.38 -16.31 2.25
CA ASN B 8 15.45 -16.10 1.16
C ASN B 8 14.35 -15.13 1.60
N ALA B 9 13.92 -14.26 0.69
CA ALA B 9 12.95 -13.23 1.00
C ALA B 9 11.97 -13.08 -0.14
N ALA B 10 10.67 -13.06 0.18
CA ALA B 10 9.62 -12.97 -0.82
C ALA B 10 9.16 -11.54 -1.06
N CYS B 11 9.07 -10.73 -0.01
CA CYS B 11 8.57 -9.36 -0.14
C CYS B 11 9.25 -8.50 0.92
N GLN B 12 8.80 -7.24 1.00
CA GLN B 12 9.34 -6.28 1.95
C GLN B 12 8.59 -6.30 3.28
N HIS B 13 9.32 -6.04 4.36
CA HIS B 13 8.74 -6.04 5.70
C HIS B 13 9.33 -4.88 6.49
N TYR B 14 8.46 -3.98 6.94
CA TYR B 14 8.87 -2.82 7.74
C TYR B 14 9.90 -1.98 6.99
N GLY B 15 9.76 -1.91 5.67
CA GLY B 15 10.55 -1.01 4.84
C GLY B 15 11.62 -1.68 4.01
N VAL B 16 12.02 -2.90 4.35
CA VAL B 16 13.12 -3.58 3.68
C VAL B 16 12.68 -5.00 3.34
N ARG B 17 13.17 -5.49 2.20
CA ARG B 17 12.93 -6.87 1.81
C ARG B 17 13.66 -7.79 2.78
N THR B 18 12.91 -8.59 3.52
CA THR B 18 13.52 -9.35 4.60
C THR B 18 13.00 -10.77 4.62
N CYS B 19 13.79 -11.60 5.28
CA CYS B 19 13.51 -12.97 5.65
C CYS B 19 12.33 -13.03 6.62
N GLU B 20 11.70 -14.22 6.68
CA GLU B 20 10.64 -14.47 7.64
C GLU B 20 11.17 -14.39 9.07
N GLY B 21 12.38 -14.89 9.29
CA GLY B 21 12.98 -14.81 10.62
C GLY B 21 13.27 -13.39 11.05
N CYS B 22 13.81 -12.58 10.14
CA CYS B 22 14.10 -11.20 10.45
C CYS B 22 12.86 -10.33 10.45
N LYS B 23 11.75 -10.76 9.85
CA LYS B 23 10.49 -10.07 10.10
C LYS B 23 10.05 -10.29 11.53
N GLY B 24 10.03 -11.54 11.98
CA GLY B 24 9.60 -11.83 13.34
C GLY B 24 10.50 -11.21 14.39
N PHE B 25 11.82 -11.28 14.20
CA PHE B 25 12.75 -10.71 15.17
C PHE B 25 12.54 -9.20 15.31
N PHE B 26 12.59 -8.48 14.19
CA PHE B 26 12.43 -7.02 14.25
C PHE B 26 11.07 -6.65 14.81
N LYS B 27 10.06 -7.47 14.55
CA LYS B 27 8.71 -7.14 15.00
C LYS B 27 8.60 -7.33 16.52
N ARG B 28 9.12 -8.44 17.05
CA ARG B 28 9.00 -8.66 18.48
C ARG B 28 9.89 -7.70 19.27
N THR B 29 11.06 -7.36 18.72
CA THR B 29 11.97 -6.44 19.39
C THR B 29 11.32 -5.09 19.64
N VAL B 30 10.64 -4.54 18.63
CA VAL B 30 10.09 -3.19 18.77
C VAL B 30 8.85 -3.20 19.65
N GLN B 31 8.00 -4.21 19.51
CA GLN B 31 6.79 -4.28 20.33
C GLN B 31 7.16 -4.35 21.82
N LYS B 32 8.07 -5.25 22.17
CA LYS B 32 8.54 -5.36 23.54
C LYS B 32 9.56 -4.29 23.93
N ASN B 33 9.95 -3.40 23.03
CA ASN B 33 11.05 -2.44 23.26
C ASN B 33 12.27 -3.14 23.86
N ALA B 34 12.62 -4.29 23.30
CA ALA B 34 13.75 -5.03 23.81
C ALA B 34 15.03 -4.20 23.65
N LYS B 35 16.00 -4.48 24.52
CA LYS B 35 17.30 -3.82 24.50
C LYS B 35 18.36 -4.88 24.69
N TYR B 36 19.37 -4.88 23.83
CA TYR B 36 20.37 -5.95 23.82
C TYR B 36 21.76 -5.41 24.12
N VAL B 37 22.66 -6.34 24.43
CA VAL B 37 24.07 -6.05 24.67
C VAL B 37 24.88 -7.11 23.94
N CYS B 38 25.85 -6.66 23.12
CA CYS B 38 26.67 -7.58 22.33
C CYS B 38 27.92 -7.98 23.10
N LEU B 39 28.04 -9.27 23.39
CA LEU B 39 29.17 -9.83 24.12
C LEU B 39 30.54 -9.59 23.59
N ALA B 40 30.63 -9.13 22.37
CA ALA B 40 31.87 -8.76 21.71
C ALA B 40 31.78 -7.32 21.24
N ASN B 41 32.50 -7.02 20.17
CA ASN B 41 32.70 -5.66 19.75
C ASN B 41 31.74 -4.90 18.87
N LYS B 42 30.51 -5.36 18.80
CA LYS B 42 29.45 -4.80 18.02
C LYS B 42 29.74 -4.95 16.57
N ASN B 43 30.62 -5.87 16.22
CA ASN B 43 30.96 -6.12 14.83
C ASN B 43 30.58 -7.53 14.38
N CYS B 44 29.58 -8.12 15.02
CA CYS B 44 29.26 -9.51 14.77
C CYS B 44 28.68 -9.67 13.37
N PRO B 45 29.21 -10.59 12.56
CA PRO B 45 28.65 -10.80 11.22
C PRO B 45 27.25 -11.40 11.31
N VAL B 46 26.33 -10.87 10.52
CA VAL B 46 24.94 -11.28 10.56
C VAL B 46 24.62 -11.87 9.18
N ASP B 47 24.82 -13.19 9.04
CA ASP B 47 24.36 -13.96 7.90
C ASP B 47 23.42 -15.08 8.35
N LYS B 48 22.97 -15.90 7.39
CA LYS B 48 21.94 -16.89 7.68
C LYS B 48 22.40 -17.93 8.69
N ARG B 49 23.70 -18.26 8.69
CA ARG B 49 24.21 -19.29 9.61
C ARG B 49 24.43 -18.73 11.03
N ARG B 50 25.00 -17.52 11.15
CA ARG B 50 25.29 -16.83 12.42
C ARG B 50 24.20 -15.84 12.90
N ARG B 51 22.96 -15.94 12.40
CA ARG B 51 21.94 -14.89 12.53
C ARG B 51 21.49 -14.67 13.97
N ASN B 52 21.40 -15.75 14.74
CA ASN B 52 20.86 -15.65 16.09
C ASN B 52 21.96 -15.50 17.12
N ARG B 53 23.22 -15.39 16.70
CA ARG B 53 24.32 -15.42 17.66
C ARG B 53 24.51 -14.10 18.39
N CYS B 54 23.84 -13.02 17.95
CA CYS B 54 23.95 -11.74 18.63
C CYS B 54 22.65 -11.04 18.27
N GLN B 55 21.86 -10.65 19.28
CA GLN B 55 20.59 -10.00 19.00
C GLN B 55 20.84 -8.50 18.91
N TYR B 56 21.90 -7.99 19.56
CA TYR B 56 22.21 -6.57 19.43
C TYR B 56 22.65 -6.25 18.02
N CYS B 57 23.74 -6.88 17.55
CA CYS B 57 24.25 -6.62 16.20
C CYS B 57 23.22 -6.93 15.14
N ARG B 58 22.38 -7.95 15.35
CA ARG B 58 21.35 -8.24 14.37
C ARG B 58 20.30 -7.14 14.35
N PHE B 59 20.01 -6.52 15.50
CA PHE B 59 19.11 -5.36 15.49
C PHE B 59 19.83 -4.11 14.99
N GLN B 60 21.12 -3.97 15.31
CA GLN B 60 21.89 -2.82 14.82
C GLN B 60 21.89 -2.79 13.29
N LYS B 61 22.18 -3.94 12.67
CA LYS B 61 22.14 -3.99 11.21
C LYS B 61 20.73 -3.84 10.68
N CYS B 62 19.72 -4.20 11.49
CA CYS B 62 18.34 -3.96 11.10
C CYS B 62 18.07 -2.48 10.91
N LEU B 63 18.51 -1.65 11.85
CA LEU B 63 18.32 -0.22 11.74
C LEU B 63 19.22 0.38 10.66
N ALA B 64 20.38 -0.23 10.44
CA ALA B 64 21.34 0.31 9.47
C ALA B 64 20.86 0.12 8.05
N VAL B 65 20.39 -1.09 7.71
CA VAL B 65 19.89 -1.33 6.37
C VAL B 65 18.68 -0.46 6.07
N GLY B 66 17.92 -0.10 7.09
CA GLY B 66 16.86 0.87 6.90
C GLY B 66 15.48 0.38 7.27
N MET B 67 15.39 -0.64 8.12
CA MET B 67 14.09 -1.04 8.65
C MET B 67 13.59 0.00 9.64
N VAL B 68 12.31 0.35 9.53
CA VAL B 68 11.74 1.46 10.29
C VAL B 68 10.84 0.89 11.37
N LYS B 69 11.05 1.38 12.60
CA LYS B 69 10.31 0.84 13.74
C LYS B 69 8.84 1.19 13.67
N GLU B 70 8.48 2.35 13.12
CA GLU B 70 7.12 2.85 13.23
C GLU B 70 6.11 1.93 12.55
N VAL B 71 6.54 1.08 11.62
CA VAL B 71 5.60 0.26 10.86
C VAL B 71 4.91 -0.78 11.74
N VAL B 72 5.63 -1.35 12.72
CA VAL B 72 4.96 -2.29 13.62
C VAL B 72 3.89 -1.52 14.38
N ARG B 73 2.77 -2.16 14.64
CA ARG B 73 1.61 -1.42 15.08
C ARG B 73 1.78 -0.97 16.51
N THR B 74 1.38 0.28 16.77
CA THR B 74 1.46 0.89 18.09
C THR B 74 0.23 1.77 18.28
N ASP B 75 -0.15 1.93 19.55
CA ASP B 75 -1.26 2.77 19.99
C ASP B 75 -2.55 2.23 19.36
N SER B 76 -3.32 3.05 18.64
CA SER B 76 -4.60 2.63 18.06
C SER B 76 -4.51 1.43 17.12
N LEU B 77 -3.38 1.23 16.45
CA LEU B 77 -3.31 0.31 15.33
C LEU B 77 -2.86 -1.09 15.72
N LYS B 78 -2.56 -1.32 17.00
CA LYS B 78 -2.14 -2.64 17.45
C LYS B 78 -3.27 -3.65 17.32
N GLY B 79 -2.98 -4.79 16.71
CA GLY B 79 -3.88 -5.93 16.66
C GLY B 79 -4.51 -6.20 15.32
N ARG B 80 -4.59 -5.22 14.43
CA ARG B 80 -5.28 -5.41 13.17
C ARG B 80 -4.32 -5.92 12.10
N ARG B 81 -4.73 -6.98 11.40
CA ARG B 81 -3.97 -7.60 10.33
C ARG B 81 -4.05 -6.77 9.05
N GLY B 82 -3.22 -7.14 8.07
CA GLY B 82 -3.28 -6.62 6.71
C GLY B 82 -2.94 -5.13 6.65
N ARG B 83 -3.13 -4.57 5.46
CA ARG B 83 -2.86 -3.16 5.17
C ARG B 83 -3.86 -2.26 5.89
N LEU B 84 -3.41 -1.05 6.24
CA LEU B 84 -4.24 -0.04 6.87
C LEU B 84 -4.51 1.06 5.85
N PRO B 85 -5.76 1.54 5.72
CA PRO B 85 -6.02 2.63 4.76
C PRO B 85 -5.46 3.96 5.22
#